data_7HHR
#
_entry.id   7HHR
#
_cell.length_a   41.410
_cell.length_b   41.730
_cell.length_c   156.780
_cell.angle_alpha   90.00
_cell.angle_beta   90.00
_cell.angle_gamma   90.00
#
_symmetry.space_group_name_H-M   'P 21 21 21'
#
loop_
_entity.id
_entity.type
_entity.pdbx_description
1 polymer 'Hepatoma-derived growth factor-related protein 2'
2 non-polymer 'SULFATE ION'
3 non-polymer 1,2-ETHANEDIOL
4 non-polymer N,N-dimethylmorpholine-4-sulfonamide
5 water water
#
_entity_poly.entity_id   1
_entity_poly.type   'polypeptide(L)'
_entity_poly.pdbx_seq_one_letter_code
;GMPHAFKPGDLVFAKMKGYPHWPARIDDIADGAVKPPPNKYPIFFFGTHETAFLGPKDLFPYDKSKDKYGKPNKRKGFNE
GLWEIQNNPHASYS
;
_entity_poly.pdbx_strand_id   A,B,C
#
# COMPACT_ATOMS: atom_id res chain seq x y z
N MET A 2 -10.61 -10.86 -24.08
CA MET A 2 -10.91 -9.43 -24.36
C MET A 2 -10.99 -8.64 -23.04
N PRO A 3 -10.37 -7.43 -22.99
CA PRO A 3 -10.39 -6.58 -21.79
C PRO A 3 -11.72 -6.42 -21.06
N HIS A 4 -11.63 -6.34 -19.74
CA HIS A 4 -12.66 -5.85 -18.85
C HIS A 4 -12.32 -4.40 -18.50
N ALA A 5 -13.20 -3.73 -17.74
CA ALA A 5 -12.91 -2.43 -17.16
C ALA A 5 -11.86 -2.65 -16.08
N PHE A 6 -11.17 -1.58 -15.70
CA PHE A 6 -10.19 -1.71 -14.62
C PHE A 6 -10.93 -2.00 -13.31
N LYS A 7 -10.28 -2.72 -12.38
CA LYS A 7 -10.86 -2.98 -11.07
C LYS A 7 -9.77 -2.83 -10.00
N PRO A 8 -10.12 -2.60 -8.71
CA PRO A 8 -9.12 -2.53 -7.64
C PRO A 8 -8.23 -3.78 -7.70
N GLY A 9 -6.91 -3.61 -7.52
CA GLY A 9 -5.93 -4.70 -7.59
C GLY A 9 -5.17 -4.75 -8.93
N ASP A 10 -5.77 -4.22 -10.01
CA ASP A 10 -5.14 -4.21 -11.32
C ASP A 10 -3.81 -3.46 -11.24
N LEU A 11 -2.79 -4.04 -11.89
CA LEU A 11 -1.47 -3.42 -11.84
C LEU A 11 -1.24 -2.71 -13.16
N VAL A 12 -0.61 -1.52 -13.10
CA VAL A 12 -0.51 -0.67 -14.27
C VAL A 12 0.80 0.11 -14.23
N PHE A 13 1.12 0.74 -15.36
CA PHE A 13 1.98 1.91 -15.36
C PHE A 13 1.06 3.09 -15.62
N ALA A 14 1.21 4.14 -14.80
CA ALA A 14 0.25 5.24 -14.79
C ALA A 14 1.02 6.47 -15.27
N LYS A 15 0.42 7.22 -16.20
CA LYS A 15 1.18 8.32 -16.79
C LYS A 15 0.64 9.65 -16.28
N MET A 16 1.54 10.44 -15.68
CA MET A 16 1.21 11.84 -15.44
C MET A 16 2.18 12.80 -16.10
N LYS A 17 1.66 13.99 -16.41
CA LYS A 17 2.36 15.09 -17.05
C LYS A 17 3.68 15.33 -16.34
N GLY A 18 4.77 15.18 -17.09
CA GLY A 18 6.06 15.54 -16.54
C GLY A 18 6.70 14.39 -15.76
N TYR A 19 6.03 13.24 -15.68
CA TYR A 19 6.70 12.09 -15.08
C TYR A 19 6.79 10.97 -16.10
N PRO A 20 7.77 10.04 -15.98
CA PRO A 20 7.74 8.82 -16.79
C PRO A 20 6.58 7.91 -16.33
N HIS A 21 6.17 6.99 -17.20
CA HIS A 21 5.17 6.00 -16.88
C HIS A 21 5.58 5.28 -15.59
N TRP A 22 4.66 5.23 -14.62
CA TRP A 22 5.09 4.96 -13.26
C TRP A 22 4.41 3.69 -12.75
N PRO A 23 5.13 2.74 -12.09
CA PRO A 23 4.50 1.55 -11.53
C PRO A 23 3.49 1.96 -10.45
N ALA A 24 2.32 1.31 -10.51
CA ALA A 24 1.13 1.76 -9.81
C ALA A 24 0.05 0.67 -9.80
N ARG A 25 -0.95 0.79 -8.91
CA ARG A 25 -2.08 -0.13 -8.87
C ARG A 25 -3.37 0.69 -8.72
N ILE A 26 -4.50 0.14 -9.17
CA ILE A 26 -5.82 0.64 -8.84
C ILE A 26 -6.08 0.26 -7.38
N ASP A 27 -6.20 1.27 -6.52
CA ASP A 27 -6.52 1.08 -5.11
C ASP A 27 -7.99 0.76 -4.89
N ASP A 28 -8.27 0.02 -3.80
CA ASP A 28 -9.62 -0.01 -3.27
C ASP A 28 -9.90 1.32 -2.60
N ILE A 29 -11.15 1.74 -2.64
CA ILE A 29 -11.56 2.84 -1.78
C ILE A 29 -11.98 2.27 -0.43
N ALA A 30 -11.27 2.69 0.64
CA ALA A 30 -11.59 2.31 2.00
C ALA A 30 -12.85 3.02 2.52
N ASP A 31 -13.54 2.32 3.43
CA ASP A 31 -14.64 2.85 4.22
C ASP A 31 -14.23 4.19 4.80
N GLY A 32 -15.00 5.25 4.54
CA GLY A 32 -14.67 6.56 5.07
C GLY A 32 -13.73 7.39 4.19
N ALA A 33 -13.16 6.81 3.13
CA ALA A 33 -12.16 7.50 2.31
C ALA A 33 -12.86 8.35 1.26
N VAL A 34 -12.15 9.37 0.76
CA VAL A 34 -12.60 10.22 -0.31
C VAL A 34 -12.69 9.41 -1.59
N LYS A 35 -13.86 9.47 -2.26
CA LYS A 35 -14.14 8.79 -3.52
C LYS A 35 -13.54 9.61 -4.65
N PRO A 36 -13.05 8.97 -5.74
CA PRO A 36 -12.61 9.72 -6.91
C PRO A 36 -13.74 10.50 -7.55
N PRO A 37 -13.44 11.47 -8.45
CA PRO A 37 -14.45 11.98 -9.36
C PRO A 37 -14.97 10.86 -10.25
N PRO A 38 -16.18 11.01 -10.85
CA PRO A 38 -16.69 10.07 -11.86
C PRO A 38 -15.69 9.78 -12.97
N ASN A 39 -15.64 8.51 -13.39
CA ASN A 39 -14.80 8.11 -14.51
C ASN A 39 -13.31 8.14 -14.18
N LYS A 40 -12.94 8.40 -12.91
CA LYS A 40 -11.57 8.41 -12.41
C LYS A 40 -11.37 7.29 -11.38
N TYR A 41 -10.10 6.84 -11.23
CA TYR A 41 -9.74 5.74 -10.35
C TYR A 41 -8.69 6.25 -9.38
N PRO A 42 -8.71 5.76 -8.11
CA PRO A 42 -7.62 6.04 -7.17
C PRO A 42 -6.40 5.22 -7.55
N ILE A 43 -5.31 5.93 -7.85
CA ILE A 43 -4.10 5.28 -8.31
C ILE A 43 -3.04 5.47 -7.24
N PHE A 44 -2.55 4.35 -6.72
CA PHE A 44 -1.44 4.28 -5.80
C PHE A 44 -0.15 4.00 -6.59
N PHE A 45 0.78 4.96 -6.54
CA PHE A 45 2.09 4.90 -7.16
C PHE A 45 3.03 4.14 -6.23
N PHE A 46 3.63 3.05 -6.76
CA PHE A 46 4.67 2.34 -6.04
C PHE A 46 5.86 3.27 -5.81
N GLY A 47 6.57 3.02 -4.71
CA GLY A 47 7.80 3.76 -4.47
C GLY A 47 7.58 5.06 -3.70
N THR A 48 6.79 6.01 -4.27
CA THR A 48 6.48 7.28 -3.63
C THR A 48 5.27 7.13 -2.70
N HIS A 49 4.50 6.05 -2.92
CA HIS A 49 3.33 5.78 -2.12
C HIS A 49 2.36 6.97 -2.21
N GLU A 50 2.40 7.73 -3.32
CA GLU A 50 1.42 8.79 -3.47
C GLU A 50 0.16 8.23 -4.13
N THR A 51 -0.96 8.95 -3.99
CA THR A 51 -2.21 8.68 -4.69
C THR A 51 -2.59 9.85 -5.59
N ALA A 52 -3.04 9.54 -6.81
CA ALA A 52 -3.71 10.53 -7.64
C ALA A 52 -4.93 9.89 -8.27
N PHE A 53 -5.81 10.74 -8.80
CA PHE A 53 -7.00 10.22 -9.48
C PHE A 53 -6.74 10.35 -10.97
N LEU A 54 -6.98 9.28 -11.74
CA LEU A 54 -6.67 9.25 -13.17
C LEU A 54 -7.75 8.49 -13.91
N GLY A 55 -8.01 8.91 -15.17
CA GLY A 55 -8.86 8.17 -16.09
C GLY A 55 -8.10 7.09 -16.86
N PRO A 56 -8.78 6.09 -17.45
CA PRO A 56 -8.13 5.09 -18.32
C PRO A 56 -7.11 5.47 -19.40
N LYS A 57 -7.21 6.70 -19.93
CA LYS A 57 -6.23 7.16 -20.92
C LYS A 57 -4.81 7.24 -20.35
N ASP A 58 -4.67 7.35 -19.02
CA ASP A 58 -3.37 7.44 -18.39
C ASP A 58 -2.89 6.12 -17.79
N LEU A 59 -3.63 5.03 -18.07
CA LEU A 59 -3.40 3.77 -17.38
C LEU A 59 -3.00 2.67 -18.36
N PHE A 60 -1.82 2.08 -18.14
CA PHE A 60 -1.23 1.10 -19.03
C PHE A 60 -1.04 -0.24 -18.30
N PRO A 61 -1.86 -1.26 -18.61
CA PRO A 61 -1.74 -2.57 -17.93
C PRO A 61 -0.32 -3.12 -17.87
N TYR A 62 0.06 -3.53 -16.66
CA TYR A 62 1.42 -3.88 -16.25
C TYR A 62 2.04 -4.91 -17.19
N ASP A 63 1.37 -6.04 -17.35
CA ASP A 63 1.89 -7.16 -18.12
C ASP A 63 2.26 -6.79 -19.56
N LYS A 64 1.34 -6.10 -20.26
CA LYS A 64 1.55 -5.67 -21.65
C LYS A 64 2.68 -4.64 -21.79
N SER A 65 2.90 -3.79 -20.76
CA SER A 65 3.71 -2.58 -20.89
C SER A 65 5.05 -2.66 -20.18
N LYS A 66 5.25 -3.73 -19.38
CA LYS A 66 6.42 -3.82 -18.52
C LYS A 66 7.74 -3.86 -19.29
N ASP A 67 7.73 -4.49 -20.49
N ASP A 67 7.74 -4.50 -20.47
CA ASP A 67 8.93 -4.56 -21.31
CA ASP A 67 8.96 -4.51 -21.28
C ASP A 67 9.34 -3.16 -21.75
C ASP A 67 9.36 -3.07 -21.61
N LYS A 68 8.37 -2.27 -21.98
CA LYS A 68 8.64 -0.91 -22.41
C LYS A 68 9.03 -0.04 -21.20
N TYR A 69 8.29 -0.19 -20.09
CA TYR A 69 8.35 0.81 -19.02
C TYR A 69 9.11 0.30 -17.79
N GLY A 70 9.30 -1.04 -17.69
CA GLY A 70 9.79 -1.63 -16.45
C GLY A 70 11.33 -1.60 -16.37
N LYS A 71 11.92 -0.41 -16.35
CA LYS A 71 13.37 -0.29 -16.49
C LYS A 71 13.83 0.81 -15.55
N PRO A 72 14.98 0.67 -14.86
CA PRO A 72 15.36 1.65 -13.85
C PRO A 72 15.26 3.07 -14.39
N ASN A 73 15.05 4.00 -13.46
CA ASN A 73 14.85 5.39 -13.80
C ASN A 73 15.46 6.19 -12.66
N LYS A 74 15.93 7.39 -12.99
CA LYS A 74 16.70 8.25 -12.09
C LYS A 74 15.77 8.80 -10.99
N ARG A 75 14.47 8.94 -11.28
CA ARG A 75 13.55 9.66 -10.40
C ARG A 75 13.46 9.00 -9.01
N LYS A 76 13.25 9.85 -7.99
CA LYS A 76 13.12 9.43 -6.61
C LYS A 76 11.92 8.49 -6.48
N GLY A 77 12.15 7.35 -5.82
CA GLY A 77 11.09 6.40 -5.54
C GLY A 77 10.87 5.39 -6.66
N PHE A 78 11.35 5.69 -7.88
CA PHE A 78 11.00 4.88 -9.04
C PHE A 78 11.43 3.41 -8.88
N ASN A 79 12.69 3.21 -8.46
CA ASN A 79 13.22 1.85 -8.49
C ASN A 79 12.64 1.06 -7.32
N GLU A 80 12.36 1.78 -6.24
CA GLU A 80 11.65 1.12 -5.15
C GLU A 80 10.30 0.61 -5.68
N GLY A 81 9.65 1.44 -6.52
CA GLY A 81 8.32 1.16 -7.03
C GLY A 81 8.34 -0.02 -7.97
N LEU A 82 9.42 -0.15 -8.76
CA LEU A 82 9.66 -1.34 -9.58
C LEU A 82 9.81 -2.59 -8.70
N TRP A 83 10.48 -2.46 -7.55
CA TRP A 83 10.54 -3.63 -6.68
C TRP A 83 9.15 -4.02 -6.13
N GLU A 84 8.35 -3.03 -5.72
CA GLU A 84 7.05 -3.32 -5.11
C GLU A 84 6.09 -3.96 -6.12
N ILE A 85 6.02 -3.42 -7.34
CA ILE A 85 5.03 -3.87 -8.29
C ILE A 85 5.39 -5.30 -8.70
N GLN A 86 6.69 -5.67 -8.62
CA GLN A 86 7.11 -7.01 -9.04
C GLN A 86 7.06 -8.02 -7.90
N ASN A 87 7.36 -7.61 -6.65
CA ASN A 87 7.57 -8.51 -5.52
C ASN A 87 6.45 -8.51 -4.48
N ASN A 88 5.78 -7.37 -4.22
CA ASN A 88 4.62 -7.48 -3.35
C ASN A 88 3.60 -6.38 -3.70
N PRO A 89 2.96 -6.47 -4.89
CA PRO A 89 2.13 -5.37 -5.35
C PRO A 89 0.79 -5.16 -4.64
N HIS A 90 0.34 -6.15 -3.84
CA HIS A 90 -0.92 -6.11 -3.11
C HIS A 90 -0.76 -5.84 -1.61
N ALA A 91 0.44 -5.47 -1.17
CA ALA A 91 0.67 -5.24 0.26
C ALA A 91 0.03 -3.95 0.73
N SER A 92 0.01 -3.81 2.05
CA SER A 92 -0.25 -2.54 2.68
C SER A 92 1.03 -1.72 2.74
N TYR A 93 1.00 -0.53 2.15
CA TYR A 93 2.12 0.40 2.24
C TYR A 93 1.73 1.58 3.14
N SER A 94 0.69 1.36 3.95
CA SER A 94 0.13 2.34 4.90
C SER A 94 1.20 2.94 5.84
N MET B 2 -28.89 -2.77 32.89
CA MET B 2 -29.22 -1.54 33.66
C MET B 2 -29.39 -0.41 32.65
N PRO B 3 -30.50 0.38 32.72
CA PRO B 3 -30.62 1.56 31.85
C PRO B 3 -29.40 2.49 31.99
N HIS B 4 -28.95 2.98 30.83
CA HIS B 4 -27.86 3.93 30.64
C HIS B 4 -28.40 5.09 29.78
N ALA B 5 -27.68 6.23 29.75
CA ALA B 5 -28.28 7.39 29.08
C ALA B 5 -28.49 7.08 27.60
N PHE B 6 -27.54 6.35 27.01
CA PHE B 6 -27.69 5.74 25.69
C PHE B 6 -28.17 4.29 25.84
N LYS B 7 -29.25 3.94 25.15
CA LYS B 7 -29.76 2.57 25.14
C LYS B 7 -29.68 1.99 23.72
N PRO B 8 -29.53 0.65 23.57
CA PRO B 8 -29.47 0.03 22.25
C PRO B 8 -30.62 0.55 21.41
N GLY B 9 -30.29 1.00 20.20
CA GLY B 9 -31.31 1.50 19.30
C GLY B 9 -31.23 3.01 19.10
N ASP B 10 -30.54 3.72 20.00
CA ASP B 10 -30.46 5.18 19.93
C ASP B 10 -29.67 5.59 18.68
N LEU B 11 -30.10 6.67 18.04
CA LEU B 11 -29.47 7.09 16.80
C LEU B 11 -28.60 8.32 17.08
N VAL B 12 -27.40 8.33 16.47
CA VAL B 12 -26.41 9.34 16.77
C VAL B 12 -25.65 9.70 15.50
N PHE B 13 -24.90 10.81 15.59
CA PHE B 13 -23.67 10.89 14.82
C PHE B 13 -22.52 10.51 15.75
N ALA B 14 -21.62 9.66 15.24
CA ALA B 14 -20.48 9.19 16.02
C ALA B 14 -19.17 9.71 15.43
N LYS B 15 -18.29 10.28 16.26
CA LYS B 15 -17.11 10.98 15.78
C LYS B 15 -15.90 10.13 16.09
N MET B 16 -15.13 9.84 15.04
CA MET B 16 -13.86 9.14 15.15
C MET B 16 -12.80 10.07 14.60
N LYS B 17 -11.54 9.86 15.02
CA LYS B 17 -10.43 10.66 14.55
C LYS B 17 -10.24 10.41 13.05
N GLY B 18 -10.09 11.48 12.27
CA GLY B 18 -9.91 11.32 10.84
C GLY B 18 -11.21 11.42 10.04
N TYR B 19 -12.38 11.41 10.69
CA TYR B 19 -13.61 11.33 9.90
C TYR B 19 -14.63 12.36 10.37
N PRO B 20 -15.55 12.77 9.49
CA PRO B 20 -16.69 13.58 9.92
C PRO B 20 -17.59 12.75 10.85
N HIS B 21 -18.30 13.47 11.73
CA HIS B 21 -19.39 12.92 12.52
C HIS B 21 -20.24 11.98 11.64
N TRP B 22 -20.28 10.71 12.01
CA TRP B 22 -20.82 9.70 11.10
C TRP B 22 -22.19 9.20 11.57
N PRO B 23 -23.21 9.03 10.69
CA PRO B 23 -24.50 8.45 11.10
C PRO B 23 -24.29 7.05 11.65
N ALA B 24 -24.87 6.76 12.83
CA ALA B 24 -24.55 5.55 13.58
C ALA B 24 -25.69 5.24 14.55
N ARG B 25 -25.60 4.08 15.22
CA ARG B 25 -26.56 3.70 16.24
C ARG B 25 -25.83 2.96 17.37
N ILE B 26 -26.45 3.00 18.56
CA ILE B 26 -25.95 2.19 19.68
C ILE B 26 -26.50 0.79 19.47
N ASP B 27 -25.62 -0.21 19.55
CA ASP B 27 -25.97 -1.62 19.47
C ASP B 27 -25.91 -2.27 20.86
N ASP B 28 -26.22 -3.57 20.96
CA ASP B 28 -26.22 -4.30 22.23
C ASP B 28 -24.92 -5.08 22.40
N ILE B 29 -24.61 -5.50 23.64
CA ILE B 29 -23.43 -6.33 23.89
C ILE B 29 -23.81 -7.81 23.78
N VAL B 34 -16.89 -9.54 22.38
CA VAL B 34 -16.30 -8.86 23.58
C VAL B 34 -17.29 -7.81 24.07
N LYS B 35 -17.46 -7.71 25.40
CA LYS B 35 -18.21 -6.60 26.00
C LYS B 35 -17.38 -5.30 25.95
N PRO B 36 -18.01 -4.10 25.83
CA PRO B 36 -17.29 -2.84 25.63
C PRO B 36 -16.43 -2.46 26.84
N PRO B 37 -15.37 -1.62 26.68
CA PRO B 37 -14.70 -1.05 27.84
C PRO B 37 -15.76 -0.28 28.64
N PRO B 38 -15.58 -0.07 29.96
CA PRO B 38 -16.48 0.81 30.71
C PRO B 38 -16.46 2.26 30.21
N ASN B 39 -17.62 2.91 30.30
CA ASN B 39 -17.83 4.28 29.84
C ASN B 39 -18.07 4.30 28.34
N LYS B 40 -17.96 3.14 27.68
CA LYS B 40 -17.96 3.10 26.24
C LYS B 40 -19.14 2.27 25.74
N TYR B 41 -19.54 2.48 24.48
CA TYR B 41 -20.70 1.78 23.95
C TYR B 41 -20.36 1.06 22.64
N PRO B 42 -21.11 0.00 22.29
CA PRO B 42 -20.98 -0.61 20.98
C PRO B 42 -21.70 0.26 19.97
N ILE B 43 -20.93 0.83 19.01
CA ILE B 43 -21.44 1.64 17.93
C ILE B 43 -21.40 0.89 16.61
N PHE B 44 -22.53 0.91 15.88
CA PHE B 44 -22.67 0.42 14.51
C PHE B 44 -22.81 1.64 13.60
N PHE B 45 -21.98 1.71 12.55
CA PHE B 45 -21.93 2.84 11.62
C PHE B 45 -22.74 2.54 10.37
N PHE B 46 -23.75 3.36 10.07
CA PHE B 46 -24.51 3.18 8.85
C PHE B 46 -23.58 3.34 7.65
N GLY B 47 -23.96 2.73 6.51
CA GLY B 47 -23.26 2.90 5.24
C GLY B 47 -22.02 2.00 5.18
N THR B 48 -21.08 2.14 6.13
CA THR B 48 -19.86 1.33 6.12
C THR B 48 -20.16 0.01 6.80
N HIS B 49 -21.10 0.05 7.77
CA HIS B 49 -21.52 -1.12 8.54
C HIS B 49 -20.37 -1.68 9.36
N GLU B 50 -19.39 -0.85 9.71
CA GLU B 50 -18.36 -1.24 10.66
C GLU B 50 -18.81 -0.95 12.10
N THR B 51 -18.04 -1.43 13.09
CA THR B 51 -18.32 -1.22 14.50
C THR B 51 -17.04 -0.74 15.19
N ALA B 52 -17.23 -0.04 16.31
CA ALA B 52 -16.17 0.41 17.20
C ALA B 52 -16.82 0.71 18.55
N PHE B 53 -16.01 0.92 19.58
CA PHE B 53 -16.49 1.34 20.88
C PHE B 53 -16.19 2.83 21.04
N LEU B 54 -17.18 3.59 21.53
CA LEU B 54 -17.02 5.03 21.71
C LEU B 54 -17.67 5.47 23.03
N GLY B 55 -17.03 6.41 23.73
CA GLY B 55 -17.64 7.07 24.88
C GLY B 55 -18.58 8.20 24.46
N PRO B 56 -19.47 8.67 25.37
CA PRO B 56 -20.44 9.71 25.04
C PRO B 56 -19.92 11.03 24.48
N LYS B 57 -18.63 11.34 24.71
CA LYS B 57 -18.09 12.63 24.26
C LYS B 57 -18.08 12.71 22.72
N ASP B 58 -18.06 11.53 22.08
CA ASP B 58 -18.01 11.33 20.64
C ASP B 58 -19.36 10.92 20.10
N LEU B 59 -20.41 11.04 20.93
CA LEU B 59 -21.73 10.56 20.50
C LEU B 59 -22.72 11.70 20.55
N PHE B 60 -23.40 11.96 19.43
CA PHE B 60 -24.24 13.15 19.31
C PHE B 60 -25.66 12.73 18.94
N PRO B 61 -26.66 12.82 19.86
CA PRO B 61 -28.05 12.45 19.52
C PRO B 61 -28.47 12.97 18.15
N TYR B 62 -28.99 12.05 17.31
CA TYR B 62 -29.25 12.35 15.91
C TYR B 62 -30.16 13.56 15.73
N ASP B 63 -31.29 13.59 16.45
CA ASP B 63 -32.30 14.62 16.22
C ASP B 63 -31.77 16.02 16.50
N LYS B 64 -31.03 16.18 17.61
CA LYS B 64 -30.46 17.49 17.94
C LYS B 64 -29.47 17.97 16.86
N SER B 65 -28.73 17.04 16.24
CA SER B 65 -27.52 17.45 15.56
C SER B 65 -27.54 17.09 14.07
N LYS B 66 -28.73 16.78 13.54
CA LYS B 66 -28.88 16.29 12.18
C LYS B 66 -28.72 17.42 11.17
N ASP B 67 -28.95 18.68 11.59
CA ASP B 67 -28.87 19.73 10.59
C ASP B 67 -27.42 20.20 10.44
N LYS B 68 -26.61 19.99 11.48
CA LYS B 68 -25.19 20.31 11.45
C LYS B 68 -24.40 19.20 10.76
N TYR B 69 -24.73 17.93 11.02
CA TYR B 69 -23.87 16.84 10.56
C TYR B 69 -24.47 16.06 9.38
N GLY B 70 -25.77 16.22 9.11
CA GLY B 70 -26.46 15.39 8.12
C GLY B 70 -26.24 15.81 6.65
N LYS B 71 -25.10 16.44 6.32
CA LYS B 71 -24.91 16.89 4.96
C LYS B 71 -24.12 15.87 4.14
N PRO B 72 -24.57 15.53 2.92
CA PRO B 72 -23.85 14.58 2.07
C PRO B 72 -22.41 15.03 1.86
N ASN B 73 -21.49 14.06 1.81
CA ASN B 73 -20.09 14.33 1.51
C ASN B 73 -19.51 13.22 0.62
N LYS B 74 -18.24 13.38 0.25
CA LYS B 74 -17.61 12.52 -0.75
C LYS B 74 -16.97 11.28 -0.09
N ARG B 75 -17.18 11.10 1.22
CA ARG B 75 -16.57 9.95 1.88
C ARG B 75 -17.38 8.69 1.58
N LYS B 76 -16.65 7.61 1.27
CA LYS B 76 -17.25 6.33 0.91
C LYS B 76 -18.09 5.81 2.08
N GLY B 77 -19.36 5.51 1.77
CA GLY B 77 -20.33 4.96 2.73
C GLY B 77 -21.24 6.04 3.36
N PHE B 78 -20.91 7.33 3.18
CA PHE B 78 -21.53 8.39 3.97
C PHE B 78 -22.97 8.61 3.53
N ASN B 79 -23.14 8.78 2.22
CA ASN B 79 -24.49 9.05 1.74
C ASN B 79 -25.39 7.84 1.92
N GLU B 80 -24.81 6.63 1.91
CA GLU B 80 -25.59 5.43 2.11
C GLU B 80 -26.00 5.37 3.58
N GLY B 81 -25.09 5.77 4.45
CA GLY B 81 -25.31 5.81 5.88
C GLY B 81 -26.43 6.78 6.22
N LEU B 82 -26.41 7.95 5.56
CA LEU B 82 -27.45 8.95 5.71
C LEU B 82 -28.79 8.36 5.30
N TRP B 83 -28.80 7.59 4.19
CA TRP B 83 -30.05 7.04 3.70
C TRP B 83 -30.55 6.00 4.71
N GLU B 84 -29.62 5.20 5.24
CA GLU B 84 -29.94 4.16 6.21
C GLU B 84 -30.52 4.74 7.51
N ILE B 85 -29.87 5.79 8.04
CA ILE B 85 -30.32 6.28 9.34
C ILE B 85 -31.72 6.90 9.23
N GLN B 86 -32.03 7.44 8.04
CA GLN B 86 -33.30 8.12 7.77
C GLN B 86 -34.41 7.11 7.43
N ASN B 87 -34.08 5.99 6.76
CA ASN B 87 -35.14 5.18 6.17
C ASN B 87 -35.28 3.83 6.85
N ASN B 88 -34.22 3.33 7.46
CA ASN B 88 -34.38 2.04 8.10
C ASN B 88 -33.32 1.86 9.18
N PRO B 89 -33.29 2.74 10.21
CA PRO B 89 -32.22 2.69 11.21
C PRO B 89 -32.12 1.40 12.00
N HIS B 90 -33.20 0.61 12.00
CA HIS B 90 -33.27 -0.48 12.96
C HIS B 90 -33.08 -1.82 12.26
N ALA B 91 -32.73 -1.79 10.98
CA ALA B 91 -32.67 -3.01 10.19
C ALA B 91 -31.42 -3.78 10.59
N SER B 92 -31.43 -5.08 10.24
CA SER B 92 -30.26 -5.95 10.22
C SER B 92 -29.44 -5.65 8.97
N TYR B 93 -28.16 -5.34 9.15
CA TYR B 93 -27.30 -4.97 8.03
C TYR B 93 -26.20 -6.03 7.87
N SER B 94 -26.10 -6.92 8.86
CA SER B 94 -25.62 -8.29 8.77
C SER B 94 -25.16 -8.66 7.35
N ALA C 5 29.71 -23.39 -1.12
CA ALA C 5 30.70 -23.12 -2.19
C ALA C 5 30.07 -22.33 -3.34
N PHE C 6 30.84 -21.39 -3.88
CA PHE C 6 30.29 -20.48 -4.87
C PHE C 6 31.09 -20.65 -6.15
N LYS C 7 30.50 -20.24 -7.28
CA LYS C 7 31.16 -20.35 -8.58
C LYS C 7 30.89 -19.05 -9.32
N PRO C 8 31.76 -18.63 -10.27
CA PRO C 8 31.56 -17.33 -10.94
C PRO C 8 30.19 -17.29 -11.61
N GLY C 9 29.42 -16.23 -11.34
CA GLY C 9 28.07 -16.12 -11.87
C GLY C 9 26.97 -16.43 -10.84
N ASP C 10 27.33 -17.05 -9.72
CA ASP C 10 26.40 -17.27 -8.60
C ASP C 10 25.93 -15.94 -8.03
N LEU C 11 24.60 -15.82 -7.87
CA LEU C 11 23.91 -14.64 -7.38
C LEU C 11 23.87 -14.71 -5.85
N VAL C 12 24.23 -13.61 -5.17
CA VAL C 12 24.29 -13.62 -3.71
C VAL C 12 23.78 -12.30 -3.14
N PHE C 13 23.64 -12.27 -1.82
CA PHE C 13 23.68 -11.04 -1.06
C PHE C 13 25.04 -10.97 -0.38
N ALA C 14 25.67 -9.80 -0.56
CA ALA C 14 27.05 -9.59 -0.12
C ALA C 14 27.04 -8.58 1.03
N LYS C 15 27.67 -8.95 2.16
CA LYS C 15 27.66 -8.08 3.32
C LYS C 15 29.07 -7.56 3.57
N MET C 16 29.21 -6.24 3.49
CA MET C 16 30.40 -5.48 3.87
C MET C 16 30.05 -4.63 5.09
N LYS C 17 31.05 -4.34 5.92
CA LYS C 17 30.89 -3.46 7.06
C LYS C 17 30.47 -2.07 6.56
N GLY C 18 29.40 -1.55 7.15
CA GLY C 18 28.99 -0.19 6.88
C GLY C 18 27.90 -0.14 5.81
N TYR C 19 27.40 -1.33 5.42
CA TYR C 19 26.49 -1.50 4.28
C TYR C 19 25.51 -2.64 4.56
N PRO C 20 24.26 -2.50 4.10
CA PRO C 20 23.29 -3.59 4.22
C PRO C 20 23.68 -4.74 3.28
N HIS C 21 23.14 -5.94 3.53
CA HIS C 21 23.37 -7.06 2.63
C HIS C 21 22.97 -6.60 1.23
N TRP C 22 23.88 -6.74 0.26
CA TRP C 22 23.76 -6.04 -1.02
C TRP C 22 23.58 -7.06 -2.16
N PRO C 23 22.69 -6.82 -3.15
CA PRO C 23 22.56 -7.76 -4.27
C PRO C 23 23.85 -7.72 -5.11
N ALA C 24 24.42 -8.92 -5.33
CA ALA C 24 25.72 -9.03 -5.96
C ALA C 24 25.87 -10.35 -6.70
N ARG C 25 26.99 -10.49 -7.43
CA ARG C 25 27.29 -11.82 -7.94
C ARG C 25 28.79 -12.12 -7.80
N ILE C 26 29.14 -13.41 -7.80
CA ILE C 26 30.52 -13.85 -7.86
C ILE C 26 31.07 -13.54 -9.25
N ASP C 27 32.24 -12.88 -9.33
CA ASP C 27 32.94 -12.61 -10.59
C ASP C 27 33.88 -13.74 -11.02
N LYS C 35 45.54 -11.70 -7.74
CA LYS C 35 44.85 -12.88 -7.14
C LYS C 35 44.14 -12.45 -5.85
N PRO C 36 42.95 -13.02 -5.55
CA PRO C 36 42.21 -12.70 -4.32
C PRO C 36 42.99 -12.99 -3.04
N PRO C 37 42.80 -12.20 -1.95
CA PRO C 37 43.44 -12.52 -0.67
C PRO C 37 42.91 -13.91 -0.33
N PRO C 38 43.68 -14.72 0.44
CA PRO C 38 43.30 -16.12 0.72
C PRO C 38 41.85 -16.25 1.16
N ASN C 39 41.13 -17.10 0.43
CA ASN C 39 39.79 -17.53 0.77
C ASN C 39 38.75 -16.42 0.52
N LYS C 40 39.06 -15.49 -0.39
CA LYS C 40 38.13 -14.43 -0.77
C LYS C 40 37.66 -14.63 -2.20
N TYR C 41 36.38 -14.35 -2.44
CA TYR C 41 35.82 -14.33 -3.78
C TYR C 41 35.83 -12.89 -4.30
N PRO C 42 35.91 -12.69 -5.65
CA PRO C 42 35.70 -11.38 -6.24
C PRO C 42 34.19 -11.27 -6.41
N ILE C 43 33.66 -10.13 -5.94
CA ILE C 43 32.23 -9.86 -5.92
C ILE C 43 31.96 -8.61 -6.76
N PHE C 44 30.96 -8.66 -7.65
CA PHE C 44 30.41 -7.50 -8.32
C PHE C 44 29.08 -7.13 -7.68
N PHE C 45 28.96 -5.87 -7.26
CA PHE C 45 27.74 -5.41 -6.59
C PHE C 45 26.80 -4.82 -7.64
N PHE C 46 25.55 -5.32 -7.68
CA PHE C 46 24.55 -4.71 -8.53
C PHE C 46 24.25 -3.26 -8.11
N GLY C 47 23.81 -2.46 -9.11
CA GLY C 47 23.37 -1.09 -8.85
C GLY C 47 24.55 -0.11 -8.81
N THR C 48 25.43 -0.29 -7.81
CA THR C 48 26.63 0.52 -7.74
C THR C 48 27.56 0.10 -8.87
N HIS C 49 27.63 -1.22 -9.14
CA HIS C 49 28.52 -1.85 -10.10
C HIS C 49 29.99 -1.81 -9.63
N GLU C 50 30.21 -1.75 -8.31
CA GLU C 50 31.56 -1.84 -7.76
C GLU C 50 31.96 -3.29 -7.57
N THR C 51 33.20 -3.51 -7.08
CA THR C 51 33.75 -4.85 -6.84
C THR C 51 34.58 -4.84 -5.54
N ALA C 52 34.67 -5.98 -4.90
CA ALA C 52 35.50 -6.12 -3.71
C ALA C 52 35.75 -7.60 -3.51
N PHE C 53 36.65 -7.90 -2.55
CA PHE C 53 36.96 -9.27 -2.18
C PHE C 53 36.24 -9.54 -0.88
N LEU C 54 35.47 -10.63 -0.86
CA LEU C 54 34.72 -10.99 0.33
C LEU C 54 34.98 -12.46 0.65
N GLY C 55 34.95 -12.78 1.95
CA GLY C 55 35.00 -14.17 2.41
C GLY C 55 33.59 -14.77 2.41
N PRO C 56 33.47 -16.12 2.37
CA PRO C 56 32.16 -16.77 2.18
C PRO C 56 31.24 -16.47 3.35
N LYS C 57 31.82 -16.07 4.48
CA LYS C 57 31.01 -15.74 5.64
C LYS C 57 30.13 -14.53 5.34
N ASP C 58 30.54 -13.67 4.39
CA ASP C 58 29.79 -12.45 4.11
C ASP C 58 28.87 -12.65 2.92
N LEU C 59 28.69 -13.92 2.52
CA LEU C 59 28.06 -14.27 1.26
C LEU C 59 26.89 -15.20 1.53
N PHE C 60 25.76 -14.96 0.84
CA PHE C 60 24.56 -15.74 1.11
C PHE C 60 23.85 -15.98 -0.21
N PRO C 61 23.50 -17.24 -0.56
CA PRO C 61 22.85 -17.52 -1.83
C PRO C 61 21.57 -16.70 -2.03
N TYR C 62 21.43 -16.09 -3.23
CA TYR C 62 20.34 -15.20 -3.60
C TYR C 62 18.98 -15.87 -3.43
N ASP C 63 18.81 -17.08 -3.99
CA ASP C 63 17.57 -17.84 -3.82
C ASP C 63 17.26 -18.13 -2.35
N LYS C 64 18.20 -18.73 -1.62
CA LYS C 64 17.96 -19.07 -0.21
C LYS C 64 17.62 -17.84 0.63
N SER C 65 18.15 -16.65 0.30
CA SER C 65 18.18 -15.59 1.33
C SER C 65 17.42 -14.33 0.95
N LYS C 66 16.80 -14.31 -0.25
CA LYS C 66 16.19 -13.08 -0.76
C LYS C 66 14.93 -12.68 -0.01
N ASP C 67 14.22 -13.66 0.57
CA ASP C 67 13.07 -13.33 1.40
C ASP C 67 13.49 -12.40 2.54
N LYS C 68 14.73 -12.55 3.02
CA LYS C 68 15.23 -11.77 4.14
C LYS C 68 15.96 -10.49 3.69
N TYR C 69 16.79 -10.57 2.63
CA TYR C 69 17.59 -9.38 2.31
C TYR C 69 17.11 -8.67 1.05
N GLY C 70 16.28 -9.34 0.24
CA GLY C 70 15.78 -8.73 -0.99
C GLY C 70 14.55 -7.87 -0.69
N LYS C 71 14.82 -6.66 -0.19
CA LYS C 71 13.76 -5.76 0.23
C LYS C 71 14.32 -4.35 0.09
N PRO C 72 13.52 -3.35 -0.34
CA PRO C 72 14.11 -2.07 -0.73
C PRO C 72 14.75 -1.35 0.46
N ASN C 73 15.64 -0.42 0.14
CA ASN C 73 16.10 0.53 1.14
C ASN C 73 16.78 1.66 0.40
N LYS C 74 17.21 2.67 1.17
CA LYS C 74 17.37 4.01 0.64
C LYS C 74 18.80 4.23 0.16
N ARG C 75 19.71 3.30 0.50
CA ARG C 75 21.15 3.47 0.28
C ARG C 75 21.41 3.55 -1.23
N LYS C 76 22.45 4.28 -1.64
CA LYS C 76 22.61 4.64 -3.04
C LYS C 76 22.80 3.41 -3.94
N GLY C 77 21.91 3.26 -4.94
CA GLY C 77 22.09 2.26 -5.97
C GLY C 77 21.50 0.91 -5.57
N PHE C 78 20.98 0.85 -4.32
CA PHE C 78 20.45 -0.37 -3.75
C PHE C 78 19.28 -0.86 -4.59
N ASN C 79 18.30 0.01 -4.86
CA ASN C 79 17.08 -0.43 -5.49
C ASN C 79 17.32 -0.75 -6.95
N GLU C 80 18.15 0.07 -7.61
CA GLU C 80 18.59 -0.34 -8.95
C GLU C 80 19.27 -1.71 -8.90
N GLY C 81 20.07 -1.94 -7.84
CA GLY C 81 20.69 -3.24 -7.62
C GLY C 81 19.70 -4.41 -7.57
N LEU C 82 18.59 -4.22 -6.86
CA LEU C 82 17.55 -5.23 -6.77
C LEU C 82 16.93 -5.46 -8.14
N TRP C 83 16.69 -4.39 -8.91
CA TRP C 83 16.16 -4.59 -10.24
C TRP C 83 17.08 -5.47 -11.10
N GLU C 84 18.38 -5.21 -11.04
CA GLU C 84 19.36 -5.91 -11.87
C GLU C 84 19.47 -7.39 -11.49
N ILE C 85 19.45 -7.72 -10.20
CA ILE C 85 19.68 -9.10 -9.82
C ILE C 85 18.55 -10.00 -10.31
N GLN C 86 17.34 -9.47 -10.36
CA GLN C 86 16.10 -10.20 -10.67
C GLN C 86 15.88 -10.14 -12.18
N ASN C 87 16.30 -9.03 -12.83
CA ASN C 87 15.86 -8.78 -14.21
C ASN C 87 16.99 -8.91 -15.23
N ASN C 88 18.24 -8.61 -14.86
CA ASN C 88 19.34 -8.57 -15.81
C ASN C 88 20.63 -9.01 -15.11
N PRO C 89 20.65 -10.22 -14.48
CA PRO C 89 21.70 -10.57 -13.54
C PRO C 89 23.07 -10.90 -14.14
N HIS C 90 23.10 -11.15 -15.46
CA HIS C 90 24.36 -11.49 -16.10
C HIS C 90 24.69 -10.53 -17.25
N ALA C 91 24.29 -9.26 -17.17
CA ALA C 91 24.80 -8.27 -18.12
C ALA C 91 26.21 -7.83 -17.73
N SER C 92 26.91 -7.13 -18.64
CA SER C 92 28.32 -6.76 -18.50
C SER C 92 28.55 -5.52 -17.63
N TYR C 93 27.77 -4.45 -17.84
CA TYR C 93 27.92 -3.23 -17.05
C TYR C 93 29.40 -2.77 -17.11
#